data_5EHT
#
_entry.id   5EHT
#
_cell.length_a   54.638
_cell.length_b   55.735
_cell.length_c   79.878
_cell.angle_alpha   90.00
_cell.angle_beta   90.00
_cell.angle_gamma   90.00
#
_symmetry.space_group_name_H-M   'P 21 21 21'
#
loop_
_entity.id
_entity.type
_entity.pdbx_description
1 polymer 'N-acyl homoserine lactonase'
2 non-polymer 'ZINC ION'
3 non-polymer GLYCEROL
4 water water
#
_entity_poly.entity_id   1
_entity_poly.type   'polypeptide(L)'
_entity_poly.pdbx_seq_one_letter_code
;GHMATVKKLYFVPAGRCMLDHSFVNSALTPGKLLNVPVWCYLLETEEGPILVDTGMPESAVNNEGL(CSO)NGTFGEGQI
LPKMTEEDRIVNILKRVGYEPDDLLYIISSHLHFDHAGGNGAFTNTPIIVQRTEYEAALHREEYMTECILPHLNYKIIEG
DYEVVPGVQLLYTPGHSPGHQSLFIETEQSGSVLLTIDASYTKENFEDEVPFAGFDPELALSSIKRLKEVVKKEKPMIFF
GHDIEQEKSCRVFPEYI
;
_entity_poly.pdbx_strand_id   A
#
# COMPACT_ATOMS: atom_id res chain seq x y z
N GLY A 1 4.41 15.20 22.59
CA GLY A 1 3.35 14.20 22.68
C GLY A 1 2.14 15.11 22.30
N HIS A 2 2.48 16.38 22.41
CA HIS A 2 2.12 17.52 21.62
C HIS A 2 1.91 17.42 20.12
N MET A 3 2.61 16.47 19.39
N MET A 3 2.54 16.44 19.42
CA MET A 3 2.56 16.56 17.89
CA MET A 3 2.45 16.56 17.96
C MET A 3 1.26 15.94 17.32
C MET A 3 1.16 15.96 17.41
N ALA A 4 0.51 16.75 16.61
CA ALA A 4 -0.69 16.42 15.82
C ALA A 4 -0.33 16.05 14.38
N THR A 5 0.94 16.25 14.00
CA THR A 5 1.39 15.93 12.67
C THR A 5 2.59 15.00 12.68
N VAL A 6 2.75 14.30 11.58
CA VAL A 6 3.94 13.48 11.38
C VAL A 6 5.07 14.42 10.88
N LYS A 7 6.30 14.09 11.27
CA LYS A 7 7.42 14.90 10.94
C LYS A 7 7.74 14.85 9.43
N LYS A 8 7.78 13.62 8.89
CA LYS A 8 8.18 13.40 7.53
C LYS A 8 7.38 12.24 6.96
N LEU A 9 6.94 12.37 5.71
CA LEU A 9 6.32 11.31 4.95
C LEU A 9 7.21 11.07 3.77
N TYR A 10 7.83 9.88 3.70
CA TYR A 10 8.67 9.51 2.58
C TYR A 10 7.93 8.51 1.68
N PHE A 11 8.05 8.75 0.39
CA PHE A 11 7.65 7.79 -0.66
C PHE A 11 8.89 6.99 -1.01
N VAL A 12 8.81 5.68 -0.84
CA VAL A 12 10.00 4.81 -0.96
C VAL A 12 9.77 3.76 -2.05
N PRO A 13 10.42 3.94 -3.22
CA PRO A 13 10.27 2.96 -4.26
C PRO A 13 10.70 1.57 -3.79
N ALA A 14 9.92 0.56 -4.11
CA ALA A 14 10.17 -0.81 -3.57
C ALA A 14 10.06 -1.83 -4.74
N GLY A 15 10.72 -1.51 -5.85
CA GLY A 15 10.58 -2.31 -7.04
C GLY A 15 9.42 -1.90 -7.91
N ARG A 16 9.08 -2.72 -8.86
CA ARG A 16 8.04 -2.39 -9.83
C ARG A 16 7.29 -3.68 -10.21
N CYS A 17 6.24 -3.56 -11.00
CA CYS A 17 5.46 -4.68 -11.44
C CYS A 17 4.87 -4.40 -12.77
N MET A 18 5.00 -5.35 -13.69
CA MET A 18 4.31 -5.29 -14.93
C MET A 18 2.89 -5.69 -14.73
N LEU A 19 1.91 -4.87 -15.17
CA LEU A 19 0.51 -5.20 -15.11
C LEU A 19 -0.08 -5.04 -16.52
N ASP A 20 -0.91 -5.94 -16.96
CA ASP A 20 -1.67 -5.70 -18.18
C ASP A 20 -2.51 -4.44 -18.03
N HIS A 21 -2.59 -3.68 -19.10
CA HIS A 21 -3.28 -2.42 -19.03
C HIS A 21 -4.75 -2.58 -18.67
N SER A 22 -5.33 -3.74 -18.84
CA SER A 22 -6.71 -3.97 -18.40
C SER A 22 -6.82 -3.93 -16.86
N PHE A 23 -5.73 -3.99 -16.15
CA PHE A 23 -5.76 -3.79 -14.68
C PHE A 23 -6.06 -2.36 -14.30
N VAL A 24 -5.59 -1.39 -15.11
CA VAL A 24 -5.82 0.02 -14.79
C VAL A 24 -7.08 0.59 -15.44
N ASN A 25 -7.62 -0.13 -16.41
CA ASN A 25 -8.87 0.23 -17.07
C ASN A 25 -9.47 -1.05 -17.55
N SER A 26 -10.52 -1.50 -16.87
CA SER A 26 -11.06 -2.84 -17.09
C SER A 26 -11.68 -3.03 -18.48
N ALA A 27 -11.96 -1.90 -19.16
CA ALA A 27 -12.52 -1.93 -20.52
C ALA A 27 -11.47 -2.24 -21.58
N LEU A 28 -10.16 -2.07 -21.31
CA LEU A 28 -9.15 -2.30 -22.30
C LEU A 28 -8.97 -3.79 -22.56
N THR A 29 -8.70 -4.13 -23.81
CA THR A 29 -8.52 -5.51 -24.18
C THR A 29 -7.10 -5.92 -23.77
N PRO A 30 -6.91 -7.07 -23.13
CA PRO A 30 -5.57 -7.47 -22.70
C PRO A 30 -4.57 -7.56 -23.82
N GLY A 31 -3.34 -7.25 -23.49
CA GLY A 31 -2.24 -7.41 -24.44
C GLY A 31 -1.11 -6.37 -24.44
N LYS A 32 -1.18 -5.36 -23.59
CA LYS A 32 -0.05 -4.42 -23.44
C LYS A 32 0.21 -4.33 -21.96
N LEU A 33 1.46 -4.55 -21.59
CA LEU A 33 1.87 -4.42 -20.21
C LEU A 33 2.36 -3.04 -19.89
N LEU A 34 2.15 -2.63 -18.64
CA LEU A 34 2.57 -1.36 -18.03
C LEU A 34 3.49 -1.66 -16.87
N ASN A 35 4.64 -0.98 -16.80
CA ASN A 35 5.60 -1.16 -15.72
C ASN A 35 5.31 -0.14 -14.63
N VAL A 36 4.50 -0.57 -13.66
CA VAL A 36 3.94 0.33 -12.65
C VAL A 36 4.85 0.31 -11.41
N PRO A 37 4.83 1.45 -10.66
CA PRO A 37 5.62 1.50 -9.45
C PRO A 37 5.01 0.67 -8.33
N VAL A 38 5.85 0.07 -7.50
CA VAL A 38 5.45 -0.47 -6.24
C VAL A 38 6.03 0.42 -5.18
N TRP A 39 5.21 0.78 -4.18
CA TRP A 39 5.60 1.72 -3.14
C TRP A 39 5.52 1.11 -1.75
N CYS A 40 6.43 1.58 -0.88
N CYS A 40 6.43 1.63 -0.92
CA CYS A 40 6.14 1.60 0.54
CA CYS A 40 6.28 1.61 0.53
C CYS A 40 6.38 3.05 1.02
C CYS A 40 6.29 3.09 0.95
N TYR A 41 5.81 3.36 2.18
CA TYR A 41 5.88 4.67 2.76
C TYR A 41 6.45 4.64 4.12
N LEU A 42 7.33 5.59 4.42
CA LEU A 42 7.92 5.68 5.72
C LEU A 42 7.48 7.00 6.40
N LEU A 43 6.89 6.85 7.60
N LEU A 43 6.92 6.87 7.60
CA LEU A 43 6.45 7.98 8.39
CA LEU A 43 6.41 8.01 8.34
C LEU A 43 7.37 8.10 9.60
C LEU A 43 7.21 8.23 9.61
N GLU A 44 7.97 9.28 9.77
N GLU A 44 7.94 9.36 9.65
CA GLU A 44 8.74 9.56 10.94
CA GLU A 44 8.61 9.74 10.86
C GLU A 44 7.81 10.42 11.85
C GLU A 44 7.60 10.38 11.78
N THR A 45 7.43 9.81 12.97
CA THR A 45 6.46 10.34 13.90
C THR A 45 7.04 10.55 15.27
N GLU A 46 6.35 11.33 16.11
CA GLU A 46 6.86 11.50 17.48
C GLU A 46 7.09 10.25 18.23
N GLU A 47 6.18 9.28 18.05
N GLU A 47 6.20 9.25 18.12
CA GLU A 47 6.28 8.00 18.75
CA GLU A 47 6.42 7.97 18.84
C GLU A 47 7.29 7.00 18.15
C GLU A 47 7.17 6.91 18.07
N GLY A 48 7.73 7.24 16.90
CA GLY A 48 8.62 6.32 16.20
C GLY A 48 8.23 6.19 14.76
N PRO A 49 9.05 5.48 14.03
CA PRO A 49 8.86 5.31 12.61
C PRO A 49 7.81 4.25 12.30
N ILE A 50 7.01 4.53 11.28
CA ILE A 50 5.95 3.67 10.85
C ILE A 50 6.16 3.36 9.39
N LEU A 51 6.04 2.07 9.05
CA LEU A 51 6.21 1.65 7.67
C LEU A 51 4.83 1.23 7.13
N VAL A 52 4.43 1.77 5.97
CA VAL A 52 3.22 1.42 5.28
C VAL A 52 3.60 0.53 4.08
N ASP A 53 3.18 -0.72 4.17
CA ASP A 53 3.44 -1.79 3.24
C ASP A 53 4.93 -2.17 3.19
N THR A 54 5.18 -3.38 2.61
CA THR A 54 6.47 -4.04 2.74
C THR A 54 6.98 -4.62 1.49
N GLY A 55 6.53 -4.20 0.35
CA GLY A 55 7.03 -4.68 -0.93
C GLY A 55 6.70 -6.12 -1.21
N MET A 56 7.50 -6.67 -2.16
CA MET A 56 7.18 -7.94 -2.77
C MET A 56 7.95 -9.06 -2.06
N PRO A 57 7.51 -10.30 -2.22
CA PRO A 57 8.16 -11.43 -1.53
C PRO A 57 9.51 -11.79 -2.15
N GLU A 58 10.37 -12.42 -1.35
CA GLU A 58 11.66 -12.91 -1.87
C GLU A 58 11.52 -13.78 -3.08
N SER A 59 10.43 -14.52 -3.20
CA SER A 59 10.17 -15.38 -4.38
C SER A 59 10.11 -14.60 -5.68
N ALA A 60 9.83 -13.27 -5.59
CA ALA A 60 9.77 -12.45 -6.75
C ALA A 60 11.13 -11.97 -7.23
N VAL A 61 12.20 -12.11 -6.41
CA VAL A 61 13.50 -11.55 -6.84
C VAL A 61 14.00 -12.30 -8.05
N ASN A 62 14.24 -11.54 -9.09
CA ASN A 62 14.82 -12.07 -10.32
C ASN A 62 13.88 -13.16 -10.85
N ASN A 63 12.57 -13.00 -10.66
CA ASN A 63 11.57 -14.02 -11.00
C ASN A 63 10.28 -13.39 -11.52
N GLU A 64 10.41 -12.88 -12.72
CA GLU A 64 9.26 -12.27 -13.42
C GLU A 64 8.12 -13.24 -13.65
N GLY A 65 8.42 -14.54 -13.75
CA GLY A 65 7.43 -15.59 -13.92
C GLY A 65 6.75 -16.10 -12.69
N LEU A 66 6.83 -15.36 -11.57
CA LEU A 66 6.28 -15.80 -10.28
C LEU A 66 4.84 -16.28 -10.42
N ASN A 68 3.23 -17.48 -13.05
CA ASN A 68 2.88 -18.60 -13.90
C ASN A 68 2.05 -19.62 -13.14
N GLY A 69 1.12 -20.26 -13.85
CA GLY A 69 0.27 -21.24 -13.21
C GLY A 69 -0.86 -20.68 -12.35
N THR A 70 -0.94 -19.35 -12.23
CA THR A 70 -2.08 -18.68 -11.58
C THR A 70 -2.89 -17.85 -12.58
N PHE A 71 -4.01 -17.27 -12.10
CA PHE A 71 -4.89 -16.35 -12.88
C PHE A 71 -4.09 -15.16 -13.45
N GLY A 72 -2.96 -14.81 -12.80
CA GLY A 72 -2.16 -13.68 -13.19
C GLY A 72 -1.11 -13.99 -14.24
N GLU A 73 -1.00 -15.25 -14.64
CA GLU A 73 -0.05 -15.64 -15.62
C GLU A 73 -0.08 -14.72 -16.85
N GLY A 74 1.09 -14.16 -17.18
CA GLY A 74 1.28 -13.26 -18.35
C GLY A 74 0.69 -11.87 -18.18
N GLN A 75 0.02 -11.62 -17.07
CA GLN A 75 -0.63 -10.37 -16.82
C GLN A 75 -0.06 -9.63 -15.63
N ILE A 76 0.64 -10.33 -14.74
CA ILE A 76 1.29 -9.74 -13.54
C ILE A 76 2.67 -10.30 -13.50
N LEU A 77 3.67 -9.44 -13.69
CA LEU A 77 5.08 -9.88 -13.69
C LEU A 77 5.88 -8.98 -12.75
N PRO A 78 6.25 -9.48 -11.56
CA PRO A 78 6.98 -8.61 -10.65
C PRO A 78 8.34 -8.23 -11.24
N LYS A 79 8.85 -7.02 -10.95
CA LYS A 79 10.13 -6.51 -11.36
C LYS A 79 10.90 -6.16 -10.09
N MET A 80 11.56 -7.13 -9.50
CA MET A 80 12.13 -7.03 -8.16
C MET A 80 13.57 -7.58 -8.20
N THR A 81 14.52 -6.80 -7.73
CA THR A 81 15.90 -7.26 -7.51
C THR A 81 16.19 -7.47 -6.05
N GLU A 82 17.34 -8.01 -5.71
CA GLU A 82 17.75 -8.26 -4.37
C GLU A 82 17.68 -6.98 -3.56
N GLU A 83 17.96 -5.87 -4.24
CA GLU A 83 18.00 -4.51 -3.56
C GLU A 83 16.59 -4.05 -3.09
N ASP A 84 15.56 -4.55 -3.69
CA ASP A 84 14.17 -4.18 -3.43
C ASP A 84 13.55 -4.99 -2.30
N ARG A 85 14.24 -5.96 -1.67
CA ARG A 85 13.77 -6.67 -0.49
C ARG A 85 13.66 -5.64 0.59
N ILE A 86 12.52 -5.64 1.29
CA ILE A 86 12.25 -4.59 2.25
C ILE A 86 13.33 -4.44 3.35
N VAL A 87 13.97 -5.55 3.76
CA VAL A 87 15.02 -5.39 4.79
C VAL A 87 16.17 -4.57 4.22
N ASN A 88 16.51 -4.81 2.94
CA ASN A 88 17.58 -4.08 2.30
C ASN A 88 17.24 -2.64 2.11
N ILE A 89 15.98 -2.36 1.66
CA ILE A 89 15.52 -0.98 1.54
C ILE A 89 15.71 -0.30 2.93
N LEU A 90 15.14 -0.93 3.94
CA LEU A 90 15.16 -0.32 5.25
C LEU A 90 16.61 -0.08 5.73
N LYS A 91 17.50 -1.05 5.53
CA LYS A 91 18.88 -0.91 6.01
C LYS A 91 19.55 0.26 5.32
N ARG A 92 19.28 0.45 4.03
CA ARG A 92 19.89 1.58 3.30
C ARG A 92 19.35 2.93 3.83
N VAL A 93 18.08 2.96 4.17
CA VAL A 93 17.42 4.13 4.71
C VAL A 93 17.93 4.43 6.12
N GLY A 94 18.26 3.41 6.90
CA GLY A 94 18.68 3.57 8.26
C GLY A 94 17.93 2.86 9.35
N TYR A 95 17.17 1.80 9.02
CA TYR A 95 16.38 1.08 10.03
C TYR A 95 16.57 -0.43 9.89
N GLU A 96 16.38 -1.14 11.04
CA GLU A 96 16.19 -2.57 11.08
C GLU A 96 14.74 -2.83 11.46
N PRO A 97 14.22 -4.03 11.13
CA PRO A 97 12.76 -4.30 11.38
C PRO A 97 12.34 -3.98 12.77
N ASP A 98 13.10 -4.30 13.77
CA ASP A 98 12.66 -4.15 15.18
C ASP A 98 12.70 -2.69 15.60
N ASP A 99 13.20 -1.80 14.73
CA ASP A 99 13.15 -0.38 15.00
C ASP A 99 11.74 0.26 14.79
N LEU A 100 10.95 -0.39 13.97
N LEU A 100 10.90 -0.40 14.02
CA LEU A 100 9.67 0.17 13.55
CA LEU A 100 9.66 0.21 13.62
C LEU A 100 8.70 0.12 14.74
C LEU A 100 8.61 0.08 14.66
N LEU A 101 7.86 1.16 14.84
CA LEU A 101 6.78 1.23 15.82
C LEU A 101 5.60 0.33 15.37
N TYR A 102 5.16 0.48 14.11
CA TYR A 102 4.12 -0.26 13.52
C TYR A 102 4.44 -0.50 12.05
N ILE A 103 3.85 -1.58 11.56
CA ILE A 103 3.70 -1.77 10.15
C ILE A 103 2.18 -1.58 9.89
N ILE A 104 1.88 -0.90 8.81
CA ILE A 104 0.46 -0.78 8.34
C ILE A 104 0.41 -1.54 7.03
N SER A 105 -0.47 -2.56 6.95
CA SER A 105 -0.73 -3.26 5.71
C SER A 105 -1.97 -2.67 5.07
N SER A 106 -1.85 -1.98 3.97
CA SER A 106 -3.04 -1.46 3.26
C SER A 106 -3.91 -2.60 2.90
N HIS A 107 -3.33 -3.71 2.44
CA HIS A 107 -3.98 -4.93 2.10
C HIS A 107 -2.87 -6.01 1.91
N LEU A 108 -3.30 -7.22 1.67
CA LEU A 108 -2.37 -8.34 1.71
C LEU A 108 -2.01 -8.90 0.32
N HIS A 109 -2.26 -8.18 -0.76
CA HIS A 109 -1.73 -8.51 -2.05
C HIS A 109 -0.21 -8.58 -2.01
N PHE A 110 0.34 -9.39 -2.89
CA PHE A 110 1.78 -9.73 -2.82
C PHE A 110 2.69 -8.54 -2.96
N ASP A 111 2.25 -7.48 -3.65
CA ASP A 111 3.03 -6.30 -3.84
C ASP A 111 2.93 -5.31 -2.66
N HIS A 112 2.19 -5.66 -1.61
CA HIS A 112 2.02 -4.84 -0.44
C HIS A 112 2.42 -5.53 0.83
N ALA A 113 2.34 -6.86 0.86
CA ALA A 113 2.58 -7.62 2.11
C ALA A 113 3.63 -8.73 1.89
N GLY A 114 4.31 -8.74 0.76
CA GLY A 114 5.32 -9.73 0.47
C GLY A 114 6.44 -9.73 1.48
N GLY A 115 6.77 -8.59 2.05
CA GLY A 115 7.82 -8.42 3.05
C GLY A 115 7.40 -8.66 4.50
N ASN A 116 6.13 -9.00 4.74
CA ASN A 116 5.65 -8.98 6.12
C ASN A 116 6.40 -9.89 7.06
N GLY A 117 6.89 -11.04 6.50
CA GLY A 117 7.56 -12.02 7.35
C GLY A 117 8.90 -11.55 7.96
N ALA A 118 9.45 -10.46 7.45
CA ALA A 118 10.60 -9.85 8.00
C ALA A 118 10.38 -9.26 9.40
N PHE A 119 9.12 -8.94 9.70
CA PHE A 119 8.78 -8.17 10.91
C PHE A 119 8.08 -9.09 11.85
N THR A 120 8.82 -9.72 12.77
CA THR A 120 8.30 -10.74 13.65
C THR A 120 7.90 -10.26 15.03
N ASN A 121 8.28 -9.01 15.35
CA ASN A 121 7.96 -8.39 16.60
C ASN A 121 7.03 -7.17 16.47
N THR A 122 7.19 -6.41 15.43
CA THR A 122 6.45 -5.16 15.23
C THR A 122 4.99 -5.52 15.02
N PRO A 123 4.03 -4.77 15.67
CA PRO A 123 2.62 -5.00 15.35
C PRO A 123 2.30 -4.67 13.90
N ILE A 124 1.57 -5.51 13.22
CA ILE A 124 1.19 -5.31 11.86
C ILE A 124 -0.31 -5.04 11.86
N ILE A 125 -0.64 -3.81 11.50
CA ILE A 125 -2.05 -3.31 11.49
C ILE A 125 -2.74 -3.68 10.23
N VAL A 126 -3.77 -4.53 10.28
CA VAL A 126 -4.47 -5.00 9.14
C VAL A 126 -5.97 -5.14 9.46
N GLN A 127 -6.76 -4.90 8.41
CA GLN A 127 -8.23 -5.04 8.60
C GLN A 127 -8.64 -6.47 8.79
N ARG A 128 -9.59 -6.74 9.69
CA ARG A 128 -10.10 -8.07 9.86
C ARG A 128 -10.60 -8.67 8.59
N THR A 129 -11.33 -7.91 7.80
CA THR A 129 -11.87 -8.47 6.58
C THR A 129 -10.75 -8.86 5.57
N GLU A 130 -9.65 -8.14 5.59
CA GLU A 130 -8.54 -8.49 4.71
C GLU A 130 -7.86 -9.78 5.25
N TYR A 131 -7.57 -9.83 6.54
CA TYR A 131 -6.96 -10.98 7.16
C TYR A 131 -7.79 -12.21 6.89
N GLU A 132 -9.10 -12.15 7.13
N GLU A 132 -9.11 -12.11 7.11
CA GLU A 132 -9.90 -13.33 6.93
CA GLU A 132 -10.00 -13.26 6.97
C GLU A 132 -9.94 -13.74 5.47
C GLU A 132 -10.18 -13.71 5.50
N ALA A 133 -9.97 -12.81 4.54
CA ALA A 133 -9.96 -13.21 3.08
C ALA A 133 -8.68 -13.87 2.71
N ALA A 134 -7.57 -13.39 3.28
CA ALA A 134 -6.27 -13.91 2.95
C ALA A 134 -6.08 -15.33 3.44
N LEU A 135 -6.81 -15.70 4.47
CA LEU A 135 -6.78 -17.10 4.80
C LEU A 135 -7.38 -18.05 3.71
N HIS A 136 -8.02 -17.55 2.60
CA HIS A 136 -8.51 -18.54 1.50
C HIS A 136 -8.52 -18.11 -0.01
N ARG A 137 -8.71 -16.82 -0.27
CA ARG A 137 -8.91 -16.32 -1.65
C ARG A 137 -7.64 -16.59 -2.41
N GLU A 138 -7.79 -16.91 -3.69
N GLU A 138 -7.74 -17.00 -3.67
CA GLU A 138 -6.67 -17.40 -4.49
CA GLU A 138 -6.52 -17.43 -4.33
C GLU A 138 -5.70 -16.32 -5.03
C GLU A 138 -5.66 -16.31 -4.99
N GLU A 139 -5.99 -15.03 -4.85
CA GLU A 139 -5.02 -13.96 -5.28
C GLU A 139 -3.92 -13.71 -4.19
N TYR A 140 -4.11 -14.44 -3.08
CA TYR A 140 -3.17 -14.37 -1.93
C TYR A 140 -2.14 -15.43 -1.88
N MET A 141 -0.97 -14.94 -1.66
CA MET A 141 0.23 -15.79 -1.51
C MET A 141 0.43 -16.12 0.01
N THR A 142 1.00 -17.31 0.22
N THR A 142 0.85 -17.32 0.31
CA THR A 142 1.42 -17.82 1.54
CA THR A 142 1.14 -17.60 1.69
C THR A 142 2.19 -16.72 2.33
C THR A 142 2.11 -16.58 2.35
N GLU A 143 3.06 -16.07 1.59
CA GLU A 143 4.05 -15.06 2.11
C GLU A 143 3.41 -13.83 2.72
N CYS A 144 2.15 -13.64 2.31
N CYS A 144 2.25 -13.48 2.28
CA CYS A 144 1.35 -12.46 2.73
CA CYS A 144 1.65 -12.42 2.98
C CYS A 144 0.47 -12.69 3.90
C CYS A 144 1.55 -13.06 4.51
N ILE A 145 0.44 -13.89 4.44
CA ILE A 145 -0.44 -14.25 5.51
C ILE A 145 0.18 -15.33 6.41
N LEU A 146 1.45 -15.15 6.81
CA LEU A 146 2.15 -16.03 7.73
C LEU A 146 1.55 -16.04 9.09
N PRO A 147 1.45 -17.18 9.74
CA PRO A 147 0.50 -17.34 10.85
C PRO A 147 0.89 -16.71 12.17
N HIS A 148 2.21 -16.54 12.41
CA HIS A 148 2.68 -16.22 13.75
C HIS A 148 3.27 -14.85 13.89
N LEU A 149 2.98 -13.97 12.94
CA LEU A 149 3.40 -12.58 13.09
C LEU A 149 2.51 -11.89 14.13
N ASN A 150 2.97 -10.75 14.59
CA ASN A 150 2.24 -9.97 15.62
C ASN A 150 1.14 -9.09 15.01
N TYR A 151 0.08 -9.69 14.54
CA TYR A 151 -1.00 -8.96 13.86
C TYR A 151 -1.77 -8.14 14.94
N LYS A 152 -2.07 -6.89 14.55
CA LYS A 152 -2.95 -5.98 15.25
C LYS A 152 -4.18 -5.83 14.34
N ILE A 153 -5.16 -6.64 14.57
CA ILE A 153 -6.30 -6.68 13.68
C ILE A 153 -7.27 -5.57 14.11
N ILE A 154 -7.67 -4.80 13.11
CA ILE A 154 -8.58 -3.68 13.39
C ILE A 154 -9.79 -3.89 12.51
N GLU A 155 -10.85 -3.09 12.81
CA GLU A 155 -12.13 -3.16 12.08
C GLU A 155 -12.56 -1.73 11.72
N GLY A 156 -12.49 -1.28 10.53
CA GLY A 156 -12.95 0.01 10.11
C GLY A 156 -11.99 1.13 10.23
N ASP A 157 -12.39 2.38 10.38
CA ASP A 157 -11.48 3.47 10.48
C ASP A 157 -10.73 3.41 11.77
N TYR A 158 -9.51 3.97 11.82
CA TYR A 158 -8.67 3.79 12.99
C TYR A 158 -7.58 4.85 13.02
N GLU A 159 -7.27 5.39 14.19
CA GLU A 159 -6.19 6.31 14.38
C GLU A 159 -4.98 5.51 14.88
N VAL A 160 -3.88 5.49 14.11
CA VAL A 160 -2.69 4.73 14.52
C VAL A 160 -1.90 5.49 15.57
N VAL A 161 -1.56 6.73 15.24
CA VAL A 161 -0.93 7.69 16.11
C VAL A 161 -1.52 9.04 15.67
N PRO A 162 -1.34 10.11 16.45
CA PRO A 162 -1.80 11.39 15.95
C PRO A 162 -1.19 11.77 14.66
N GLY A 163 -2.01 12.17 13.69
CA GLY A 163 -1.57 12.49 12.35
C GLY A 163 -1.66 11.35 11.37
N VAL A 164 -2.00 10.15 11.84
CA VAL A 164 -1.97 8.96 10.97
C VAL A 164 -3.35 8.24 11.14
N GLN A 165 -4.21 8.39 10.14
CA GLN A 165 -5.51 7.81 10.17
C GLN A 165 -5.70 6.79 9.05
N LEU A 166 -6.35 5.72 9.36
CA LEU A 166 -6.69 4.72 8.38
C LEU A 166 -8.17 4.84 8.00
N LEU A 167 -8.44 4.80 6.74
CA LEU A 167 -9.78 4.90 6.16
C LEU A 167 -10.12 3.60 5.50
N TYR A 168 -11.15 2.91 5.95
CA TYR A 168 -11.58 1.68 5.42
C TYR A 168 -12.12 1.87 4.03
N THR A 169 -11.51 1.27 3.02
CA THR A 169 -11.81 1.47 1.61
C THR A 169 -11.84 0.12 0.86
N PRO A 170 -12.74 -0.79 1.28
CA PRO A 170 -12.80 -2.09 0.64
C PRO A 170 -13.26 -2.03 -0.82
N GLY A 171 -12.94 -3.09 -1.58
CA GLY A 171 -13.40 -3.22 -2.97
C GLY A 171 -12.26 -3.74 -3.85
N HIS A 172 -11.19 -3.02 -3.91
CA HIS A 172 -10.03 -3.56 -4.61
C HIS A 172 -9.62 -4.91 -3.98
N SER A 173 -9.67 -4.98 -2.65
CA SER A 173 -9.52 -6.22 -1.91
C SER A 173 -10.61 -6.16 -0.79
N PRO A 174 -10.88 -7.29 -0.15
CA PRO A 174 -11.98 -7.32 0.80
C PRO A 174 -11.81 -6.41 1.99
N GLY A 175 -10.61 -6.13 2.44
CA GLY A 175 -10.36 -5.24 3.57
C GLY A 175 -9.33 -4.18 3.31
N HIS A 176 -9.29 -3.68 2.09
CA HIS A 176 -8.38 -2.64 1.75
C HIS A 176 -8.56 -1.39 2.59
N GLN A 177 -7.51 -0.74 2.96
CA GLN A 177 -7.52 0.52 3.70
C GLN A 177 -6.59 1.52 3.12
N SER A 178 -6.96 2.81 3.08
CA SER A 178 -6.24 3.92 2.65
C SER A 178 -5.75 4.73 3.85
N LEU A 179 -4.89 5.72 3.61
CA LEU A 179 -4.30 6.53 4.68
C LEU A 179 -4.58 8.00 4.50
N PHE A 180 -4.97 8.66 5.61
CA PHE A 180 -5.05 10.09 5.65
C PHE A 180 -4.07 10.57 6.70
N ILE A 181 -3.07 11.31 6.23
N ILE A 181 -3.08 11.32 6.22
CA ILE A 181 -1.96 11.71 7.02
CA ILE A 181 -1.92 11.72 6.99
C ILE A 181 -1.86 13.24 7.09
C ILE A 181 -1.81 13.25 7.06
N GLU A 182 -1.55 13.77 8.27
CA GLU A 182 -1.26 15.17 8.40
C GLU A 182 0.23 15.32 8.64
N THR A 183 0.91 15.99 7.71
CA THR A 183 2.32 16.21 7.80
C THR A 183 2.69 17.65 8.23
N GLU A 184 3.82 17.79 8.91
CA GLU A 184 4.30 19.10 9.33
C GLU A 184 4.53 20.00 8.09
N GLN A 185 5.08 19.47 6.99
CA GLN A 185 5.46 20.33 5.86
C GLN A 185 4.32 20.64 4.90
N SER A 186 3.38 19.71 4.80
CA SER A 186 2.35 19.78 3.74
C SER A 186 0.92 19.79 4.17
N GLY A 187 0.60 19.49 5.44
CA GLY A 187 -0.80 19.37 5.83
C GLY A 187 -1.38 18.04 5.43
N SER A 188 -2.57 18.05 4.90
CA SER A 188 -3.38 16.86 4.73
C SER A 188 -2.97 16.14 3.43
N VAL A 189 -2.71 14.82 3.56
CA VAL A 189 -2.31 13.98 2.46
C VAL A 189 -3.13 12.71 2.48
N LEU A 190 -3.72 12.39 1.31
CA LEU A 190 -4.50 11.16 1.13
C LEU A 190 -3.69 10.20 0.25
N LEU A 191 -3.31 9.09 0.87
CA LEU A 191 -2.68 8.00 0.12
C LEU A 191 -3.82 7.02 -0.18
N THR A 192 -4.30 7.01 -1.41
CA THR A 192 -5.40 6.11 -1.76
C THR A 192 -4.99 4.65 -1.61
N ILE A 193 -3.67 4.41 -1.81
CA ILE A 193 -3.19 3.04 -2.06
C ILE A 193 -4.01 2.54 -3.25
N ASP A 194 -4.48 1.29 -3.17
CA ASP A 194 -5.12 0.66 -4.34
C ASP A 194 -6.66 0.85 -4.36
N ALA A 195 -7.15 1.82 -3.56
CA ALA A 195 -8.52 2.22 -3.73
C ALA A 195 -8.62 3.03 -5.05
N SER A 196 -7.51 3.39 -5.72
CA SER A 196 -7.50 3.81 -7.10
C SER A 196 -6.04 3.61 -7.54
N TYR A 197 -5.85 2.81 -8.59
CA TYR A 197 -4.46 2.66 -9.14
C TYR A 197 -4.00 3.96 -9.72
N THR A 198 -4.88 4.62 -10.47
CA THR A 198 -4.48 5.84 -11.14
C THR A 198 -5.46 7.00 -10.94
N LYS A 199 -5.03 8.21 -11.27
CA LYS A 199 -5.88 9.37 -11.15
C LYS A 199 -7.23 9.16 -11.86
N GLU A 200 -7.25 8.57 -13.04
CA GLU A 200 -8.54 8.42 -13.70
C GLU A 200 -9.45 7.40 -13.06
N ASN A 201 -8.90 6.41 -12.37
CA ASN A 201 -9.78 5.53 -11.55
C ASN A 201 -10.50 6.34 -10.49
N PHE A 202 -9.85 7.33 -9.95
CA PHE A 202 -10.46 8.14 -8.88
C PHE A 202 -11.36 9.21 -9.43
N GLU A 203 -10.81 10.10 -10.21
CA GLU A 203 -11.59 11.23 -10.67
C GLU A 203 -12.69 10.80 -11.63
N ASP A 204 -12.34 9.94 -12.57
CA ASP A 204 -13.28 9.60 -13.65
C ASP A 204 -13.98 8.28 -13.41
N GLU A 205 -13.67 7.65 -12.25
CA GLU A 205 -14.33 6.41 -11.88
C GLU A 205 -14.17 5.34 -12.97
N VAL A 206 -13.02 5.34 -13.63
CA VAL A 206 -12.66 4.32 -14.62
C VAL A 206 -12.45 3.04 -13.82
N PRO A 207 -13.20 1.95 -14.11
CA PRO A 207 -13.06 0.65 -13.34
C PRO A 207 -11.62 0.09 -13.51
N PHE A 208 -11.20 -0.68 -12.50
CA PHE A 208 -9.87 -1.23 -12.45
C PHE A 208 -9.91 -2.54 -11.67
N ALA A 209 -8.78 -3.23 -11.61
CA ALA A 209 -8.80 -4.58 -11.05
C ALA A 209 -9.25 -4.51 -9.58
N GLY A 210 -10.10 -5.45 -9.19
CA GLY A 210 -10.60 -5.51 -7.85
C GLY A 210 -11.48 -6.70 -7.59
N PHE A 211 -11.54 -7.06 -6.32
CA PHE A 211 -12.40 -8.16 -5.79
C PHE A 211 -13.87 -7.85 -6.04
N ASP A 212 -14.26 -6.61 -5.75
CA ASP A 212 -15.68 -6.20 -5.82
C ASP A 212 -15.72 -4.76 -6.35
N PRO A 213 -15.87 -4.60 -7.66
CA PRO A 213 -15.88 -3.28 -8.25
C PRO A 213 -16.97 -2.34 -7.75
N GLU A 214 -18.13 -2.86 -7.36
CA GLU A 214 -19.23 -2.02 -6.84
C GLU A 214 -18.79 -1.42 -5.49
N LEU A 215 -18.15 -2.24 -4.65
CA LEU A 215 -17.66 -1.78 -3.41
C LEU A 215 -16.51 -0.80 -3.63
N ALA A 216 -15.66 -1.10 -4.61
CA ALA A 216 -14.57 -0.16 -4.92
C ALA A 216 -15.11 1.23 -5.30
N LEU A 217 -16.18 1.28 -6.07
CA LEU A 217 -16.78 2.56 -6.39
C LEU A 217 -17.30 3.29 -5.14
N SER A 218 -18.02 2.57 -4.29
CA SER A 218 -18.50 3.23 -3.07
C SER A 218 -17.38 3.73 -2.20
N SER A 219 -16.28 2.99 -2.13
CA SER A 219 -15.14 3.48 -1.39
C SER A 219 -14.54 4.75 -2.00
N ILE A 220 -14.43 4.79 -3.32
CA ILE A 220 -14.06 5.99 -3.99
C ILE A 220 -14.99 7.18 -3.67
N LYS A 221 -16.30 6.96 -3.73
N LYS A 221 -16.30 6.97 -3.70
CA LYS A 221 -17.33 7.98 -3.32
CA LYS A 221 -17.29 8.02 -3.34
C LYS A 221 -17.01 8.52 -1.94
C LYS A 221 -17.12 8.50 -1.90
N ARG A 222 -16.76 7.60 -1.00
CA ARG A 222 -16.48 7.99 0.36
C ARG A 222 -15.22 8.87 0.42
N LEU A 223 -14.15 8.46 -0.27
CA LEU A 223 -12.94 9.28 -0.36
C LEU A 223 -13.18 10.64 -0.96
N LYS A 224 -14.07 10.69 -1.95
CA LYS A 224 -14.43 11.98 -2.56
C LYS A 224 -15.09 12.90 -1.53
N GLU A 225 -15.93 12.37 -0.64
CA GLU A 225 -16.48 13.16 0.46
C GLU A 225 -15.38 13.69 1.40
N VAL A 226 -14.41 12.84 1.72
CA VAL A 226 -13.32 13.29 2.54
C VAL A 226 -12.52 14.41 1.83
N VAL A 227 -12.29 14.22 0.56
CA VAL A 227 -11.59 15.22 -0.20
C VAL A 227 -12.31 16.57 -0.23
N LYS A 228 -13.62 16.55 -0.41
CA LYS A 228 -14.41 17.74 -0.40
C LYS A 228 -14.24 18.52 0.89
N LYS A 229 -14.14 17.80 2.00
CA LYS A 229 -14.01 18.42 3.34
C LYS A 229 -12.58 18.91 3.65
N GLU A 230 -11.59 18.07 3.29
CA GLU A 230 -10.21 18.26 3.72
C GLU A 230 -9.29 18.83 2.69
N LYS A 231 -9.66 18.77 1.41
CA LYS A 231 -8.79 19.26 0.30
C LYS A 231 -7.31 18.82 0.42
N PRO A 232 -7.09 17.51 0.52
CA PRO A 232 -5.74 17.02 0.68
C PRO A 232 -4.95 16.94 -0.64
N MET A 233 -3.65 16.74 -0.51
CA MET A 233 -2.88 16.26 -1.63
C MET A 233 -3.28 14.80 -1.77
N ILE A 234 -3.36 14.30 -2.98
CA ILE A 234 -3.86 12.94 -3.26
C ILE A 234 -2.85 12.16 -4.13
N PHE A 235 -2.45 11.00 -3.61
CA PHE A 235 -1.47 10.12 -4.30
C PHE A 235 -2.09 8.75 -4.54
N PHE A 236 -1.97 8.25 -5.80
CA PHE A 236 -2.59 7.03 -6.21
C PHE A 236 -1.63 5.85 -6.13
N GLY A 237 -2.17 4.65 -6.21
CA GLY A 237 -1.41 3.44 -5.90
C GLY A 237 -0.36 2.99 -6.92
N HIS A 238 -0.69 3.02 -8.20
CA HIS A 238 0.15 2.43 -9.24
C HIS A 238 0.04 3.26 -10.48
N ASP A 239 0.50 4.51 -10.40
CA ASP A 239 0.22 5.53 -11.42
C ASP A 239 1.55 6.04 -12.01
N ILE A 240 1.85 5.55 -13.22
CA ILE A 240 3.08 5.87 -13.91
C ILE A 240 3.19 7.35 -14.22
N GLU A 241 2.07 7.98 -14.58
CA GLU A 241 2.10 9.40 -14.88
C GLU A 241 2.37 10.21 -13.62
N GLN A 242 1.61 9.94 -12.56
CA GLN A 242 1.77 10.73 -11.31
C GLN A 242 3.17 10.53 -10.76
N GLU A 243 3.69 9.30 -10.89
CA GLU A 243 5.02 9.00 -10.38
C GLU A 243 6.07 9.99 -10.85
N LYS A 244 5.93 10.40 -12.10
CA LYS A 244 6.82 11.41 -12.73
C LYS A 244 7.02 12.69 -11.87
N SER A 245 6.01 13.08 -11.12
CA SER A 245 6.10 14.32 -10.37
C SER A 245 6.18 14.12 -8.85
N CYS A 246 6.13 12.88 -8.38
N CYS A 246 6.17 12.88 -8.39
CA CYS A 246 6.30 12.56 -6.97
CA CYS A 246 6.19 12.56 -6.97
C CYS A 246 7.67 12.89 -6.48
C CYS A 246 7.59 12.69 -6.38
N ARG A 247 7.74 13.53 -5.34
CA ARG A 247 8.99 13.65 -4.55
C ARG A 247 9.20 12.31 -3.80
N VAL A 248 10.35 11.70 -4.00
CA VAL A 248 10.66 10.39 -3.47
C VAL A 248 11.90 10.47 -2.62
N PHE A 249 12.06 9.50 -1.75
CA PHE A 249 13.22 9.39 -0.87
C PHE A 249 14.51 9.74 -1.63
N PRO A 250 15.34 10.65 -1.08
CA PRO A 250 15.34 11.24 0.25
C PRO A 250 14.49 12.49 0.47
N GLU A 251 13.81 12.94 -0.55
CA GLU A 251 12.83 14.02 -0.38
C GLU A 251 11.64 13.45 0.37
N TYR A 252 10.94 14.32 1.07
CA TYR A 252 9.72 13.98 1.84
C TYR A 252 8.72 15.09 1.72
N ILE A 253 7.54 14.77 2.19
CA ILE A 253 6.45 15.76 2.25
C ILE A 253 5.93 15.85 3.66
#